data_6V83
#
_entry.id   6V83
#
_cell.length_a   42.357
_cell.length_b   42.357
_cell.length_c   262.692
_cell.angle_alpha   90.000
_cell.angle_beta   90.000
_cell.angle_gamma   90.000
#
_symmetry.space_group_name_H-M   'P 41 21 2'
#
loop_
_entity.id
_entity.type
_entity.pdbx_description
1 polymer Beta-lactamase
2 non-polymer 'ACYLATED CEFTAZIDIME'
3 water water
#
_entity_poly.entity_id   1
_entity_poly.type   'polypeptide(L)'
_entity_poly.pdbx_seq_one_letter_code
;QTSAVQQKLAALEKSSGGRLGVALIDTADNTQVLYRGDERFPMCSTSKVMAAAAVLKQSETQKQLLNQPVEIKPADLVNY
NPIAEKHVNGTMTLAELSAAALQYSDNTAMNKLIAQLGGPGGVTAFARAIGDETFRLDRTASTLNTAIPGDPRDTTTPRA
MAQTLRQLTLGHALGETQRAQLVTWLKGNTTGAASIRAGLPTSWTVGDKTGSGGYGTTNDIAVIWPQGRAPLVLVTYFTQ
PQQNAESRRDVLASAARIIAEGL
;
_entity_poly.pdbx_strand_id   A
#
loop_
_chem_comp.id
_chem_comp.type
_chem_comp.name
_chem_comp.formula
CAZ non-polymer 'ACYLATED CEFTAZIDIME' 'C17 H19 N5 O7 S2'
#
# COMPACT_ATOMS: atom_id res chain seq x y z
N SER A 3 -9.05 17.43 -18.13
CA SER A 3 -10.07 17.86 -17.18
C SER A 3 -9.46 18.74 -16.09
N ALA A 4 -10.34 19.38 -15.31
CA ALA A 4 -9.86 20.33 -14.31
C ALA A 4 -9.04 19.65 -13.24
N VAL A 5 -9.38 18.40 -12.90
CA VAL A 5 -8.65 17.69 -11.85
C VAL A 5 -7.21 17.41 -12.30
N GLN A 6 -7.03 16.96 -13.54
CA GLN A 6 -5.69 16.64 -14.01
C GLN A 6 -4.83 17.89 -14.10
N GLN A 7 -5.42 19.05 -14.39
CA GLN A 7 -4.65 20.29 -14.38
C GLN A 7 -4.26 20.68 -12.95
N LYS A 8 -5.16 20.50 -11.98
CA LYS A 8 -4.79 20.77 -10.59
C LYS A 8 -3.70 19.83 -10.11
N LEU A 9 -3.73 18.56 -10.53
CA LEU A 9 -2.67 17.64 -10.17
C LEU A 9 -1.35 18.02 -10.83
N ALA A 10 -1.41 18.48 -12.09
CA ALA A 10 -0.20 18.95 -12.74
C ALA A 10 0.36 20.16 -12.02
N ALA A 11 -0.51 21.04 -11.53
CA ALA A 11 -0.02 22.20 -10.78
C ALA A 11 0.57 21.79 -9.44
N LEU A 12 -0.08 20.83 -8.78
CA LEU A 12 0.46 20.30 -7.54
C LEU A 12 1.85 19.73 -7.77
N GLU A 13 2.01 18.96 -8.83
CA GLU A 13 3.32 18.36 -9.10
C GLU A 13 4.37 19.43 -9.35
N LYS A 14 4.00 20.48 -10.10
CA LYS A 14 4.97 21.54 -10.36
C LYS A 14 5.42 22.20 -9.07
N SER A 15 4.47 22.48 -8.17
CA SER A 15 4.77 23.11 -6.89
C SER A 15 5.57 22.19 -5.98
N SER A 16 5.66 20.91 -6.28
CA SER A 16 6.30 19.95 -5.39
C SER A 16 7.77 19.73 -5.72
N GLY A 17 8.20 19.99 -6.96
CA GLY A 17 9.52 19.62 -7.39
C GLY A 17 9.76 18.14 -7.58
N GLY A 18 8.77 17.28 -7.31
CA GLY A 18 8.92 15.86 -7.47
C GLY A 18 8.09 15.31 -8.62
N ARG A 19 7.91 14.00 -8.61
CA ARG A 19 7.12 13.29 -9.62
C ARG A 19 5.94 12.66 -8.91
N LEU A 20 4.73 12.98 -9.36
CA LEU A 20 3.49 12.57 -8.72
C LEU A 20 2.75 11.61 -9.63
N GLY A 21 2.23 10.53 -9.05
CA GLY A 21 1.44 9.55 -9.80
C GLY A 21 0.14 9.32 -9.06
N VAL A 22 -0.99 9.45 -9.76
CA VAL A 22 -2.29 9.36 -9.10
C VAL A 22 -3.19 8.46 -9.93
N ALA A 23 -3.96 7.63 -9.25
CA ALA A 23 -5.01 6.86 -9.90
C ALA A 23 -6.21 6.86 -8.99
N LEU A 24 -7.34 7.33 -9.49
CA LEU A 24 -8.59 7.29 -8.75
C LEU A 24 -9.54 6.40 -9.51
N ILE A 25 -10.19 5.48 -8.80
CA ILE A 25 -11.33 4.74 -9.35
C ILE A 25 -12.56 5.14 -8.55
N ASP A 26 -13.58 5.62 -9.24
CA ASP A 26 -14.86 5.93 -8.64
C ASP A 26 -15.80 4.77 -8.95
N THR A 27 -16.12 3.95 -7.96
CA THR A 27 -16.93 2.77 -8.22
C THR A 27 -18.40 3.09 -8.43
N ALA A 28 -18.81 4.35 -8.34
CA ALA A 28 -20.18 4.68 -8.69
C ALA A 28 -20.45 4.40 -10.16
N ASP A 29 -19.51 4.76 -11.02
CA ASP A 29 -19.67 4.54 -12.46
C ASP A 29 -18.41 3.98 -13.10
N ASN A 30 -17.43 3.56 -12.30
CA ASN A 30 -16.20 2.94 -12.76
C ASN A 30 -15.36 3.90 -13.60
N THR A 31 -15.54 5.20 -13.38
CA THR A 31 -14.68 6.18 -14.01
C THR A 31 -13.32 6.15 -13.35
N GLN A 32 -12.30 6.51 -14.13
CA GLN A 32 -10.92 6.46 -13.69
C GLN A 32 -10.28 7.79 -14.04
N VAL A 33 -9.57 8.39 -13.09
CA VAL A 33 -8.79 9.59 -13.35
C VAL A 33 -7.35 9.25 -13.04
N LEU A 34 -6.47 9.43 -14.04
CA LEU A 34 -5.06 9.08 -13.90
C LEU A 34 -4.20 10.32 -14.08
N TYR A 35 -3.09 10.34 -13.34
CA TYR A 35 -2.00 11.28 -13.55
C TYR A 35 -0.71 10.48 -13.49
N ARG A 36 0.04 10.43 -14.60
CA ARG A 36 1.18 9.52 -14.71
C ARG A 36 0.77 8.10 -14.29
N GLY A 37 -0.43 7.70 -14.71
CA GLY A 37 -1.01 6.47 -14.20
C GLY A 37 -0.32 5.21 -14.68
N ASP A 38 0.45 5.31 -15.76
CA ASP A 38 1.14 4.15 -16.32
C ASP A 38 2.66 4.26 -16.17
N GLU A 39 3.14 5.19 -15.35
CA GLU A 39 4.55 5.27 -15.04
C GLU A 39 4.84 4.47 -13.78
N ARG A 40 6.02 3.86 -13.74
CA ARG A 40 6.42 3.09 -12.58
C ARG A 40 6.93 3.99 -11.45
N PHE A 41 6.52 3.67 -10.23
CA PHE A 41 7.00 4.31 -9.01
C PHE A 41 7.46 3.25 -8.03
N PRO A 42 8.43 3.56 -7.18
CA PRO A 42 8.78 2.61 -6.12
C PRO A 42 7.63 2.48 -5.14
N MET A 43 7.24 1.25 -4.82
CA MET A 43 6.09 1.04 -3.96
C MET A 43 6.39 1.31 -2.49
N CYS A 44 7.64 1.11 -2.07
CA CYS A 44 7.99 1.07 -0.66
C CYS A 44 6.97 0.21 0.09
N SER A 45 6.51 0.67 1.26
CA SER A 45 5.73 -0.21 2.13
C SER A 45 4.31 -0.43 1.63
N THR A 46 3.87 0.22 0.55
CA THR A 46 2.54 -0.08 0.07
C THR A 46 2.46 -1.51 -0.50
N SER A 47 3.61 -2.13 -0.80
CA SER A 47 3.62 -3.53 -1.21
C SER A 47 3.16 -4.48 -0.09
N LYS A 48 3.11 -4.01 1.16
CA LYS A 48 2.68 -4.88 2.26
C LYS A 48 1.23 -5.32 2.12
N VAL A 49 0.41 -4.56 1.40
CA VAL A 49 -0.97 -4.99 1.18
C VAL A 49 -0.99 -6.27 0.33
N MET A 50 -0.17 -6.31 -0.73
CA MET A 50 -0.15 -7.51 -1.56
C MET A 50 0.33 -8.73 -0.79
N ALA A 51 1.34 -8.56 0.08
CA ALA A 51 1.83 -9.68 0.87
C ALA A 51 0.80 -10.15 1.90
N ALA A 52 0.16 -9.21 2.59
CA ALA A 52 -0.90 -9.60 3.52
C ALA A 52 -2.05 -10.30 2.79
N ALA A 53 -2.45 -9.76 1.64
CA ALA A 53 -3.53 -10.41 0.88
C ALA A 53 -3.12 -11.80 0.41
N ALA A 54 -1.84 -11.96 0.04
CA ALA A 54 -1.38 -13.26 -0.41
C ALA A 54 -1.48 -14.29 0.71
N VAL A 55 -1.15 -13.89 1.94
CA VAL A 55 -1.27 -14.82 3.05
C VAL A 55 -2.74 -15.11 3.33
N LEU A 56 -3.59 -14.09 3.25
CA LEU A 56 -5.03 -14.34 3.40
C LEU A 56 -5.51 -15.36 2.36
N LYS A 57 -5.07 -15.21 1.11
CA LYS A 57 -5.43 -16.18 0.07
C LYS A 57 -4.97 -17.59 0.46
N GLN A 58 -3.74 -17.72 0.94
CA GLN A 58 -3.27 -19.02 1.43
C GLN A 58 -4.21 -19.58 2.49
N SER A 59 -4.73 -18.72 3.38
CA SER A 59 -5.54 -19.18 4.49
C SER A 59 -6.92 -19.65 4.05
N GLU A 60 -7.33 -19.37 2.81
CA GLU A 60 -8.61 -19.88 2.31
C GLU A 60 -8.62 -21.39 2.22
N THR A 61 -7.45 -22.00 2.00
CA THR A 61 -7.36 -23.46 1.92
C THR A 61 -6.55 -24.08 3.06
N GLN A 62 -5.76 -23.31 3.79
CA GLN A 62 -5.11 -23.80 4.99
C GLN A 62 -5.85 -23.14 6.17
N LYS A 63 -6.81 -23.89 6.70
CA LYS A 63 -7.87 -23.34 7.56
C LYS A 63 -7.30 -22.47 8.69
N GLN A 64 -6.45 -23.05 9.54
CA GLN A 64 -5.97 -22.36 10.74
C GLN A 64 -4.63 -21.65 10.51
N LEU A 65 -4.31 -21.31 9.26
CA LEU A 65 -3.00 -20.75 8.93
C LEU A 65 -2.72 -19.45 9.68
N LEU A 66 -3.70 -18.53 9.73
CA LEU A 66 -3.47 -17.25 10.39
C LEU A 66 -3.17 -17.39 11.87
N ASN A 67 -3.55 -18.50 12.51
CA ASN A 67 -3.29 -18.71 13.92
C ASN A 67 -1.95 -19.39 14.19
N GLN A 68 -1.18 -19.71 13.15
CA GLN A 68 0.04 -20.48 13.40
C GLN A 68 1.14 -19.57 13.94
N PRO A 69 1.90 -20.04 14.92
CA PRO A 69 2.97 -19.21 15.48
C PRO A 69 4.19 -19.21 14.57
N VAL A 70 4.85 -18.07 14.52
CA VAL A 70 6.07 -17.87 13.74
C VAL A 70 7.14 -17.34 14.68
N GLU A 71 8.27 -18.02 14.74
CA GLU A 71 9.35 -17.57 15.61
C GLU A 71 9.97 -16.28 15.06
N ILE A 72 10.19 -15.33 15.96
CA ILE A 72 10.92 -14.11 15.67
C ILE A 72 12.34 -14.29 16.20
N LYS A 73 13.31 -14.40 15.29
CA LYS A 73 14.71 -14.66 15.62
C LYS A 73 15.54 -13.38 15.49
N PRO A 74 16.70 -13.33 16.14
CA PRO A 74 17.56 -12.12 16.00
C PRO A 74 17.88 -11.77 14.56
N ALA A 75 18.15 -12.77 13.73
CA ALA A 75 18.45 -12.49 12.33
C ALA A 75 17.28 -11.87 11.59
N ASP A 76 16.07 -11.88 12.16
CA ASP A 76 14.92 -11.27 11.50
C ASP A 76 14.81 -9.77 11.74
N LEU A 77 15.51 -9.21 12.72
CA LEU A 77 15.29 -7.82 13.10
C LEU A 77 15.92 -6.88 12.08
N VAL A 78 15.18 -5.84 11.69
CA VAL A 78 15.65 -4.85 10.73
C VAL A 78 15.52 -3.44 11.30
N ASN A 79 15.74 -2.43 10.46
CA ASN A 79 15.71 -1.02 10.86
C ASN A 79 14.51 -0.70 11.75
N TYR A 80 13.32 -0.96 11.22
CA TYR A 80 12.06 -0.45 11.72
C TYR A 80 11.15 -1.65 11.97
N ASN A 81 10.99 -2.01 13.23
CA ASN A 81 10.18 -3.16 13.59
C ASN A 81 9.53 -2.91 14.94
N PRO A 82 8.66 -1.90 15.06
CA PRO A 82 8.18 -1.50 16.39
C PRO A 82 7.32 -2.55 17.08
N ILE A 83 6.75 -3.50 16.35
CA ILE A 83 6.00 -4.59 16.95
C ILE A 83 6.86 -5.84 17.12
N ALA A 84 7.52 -6.26 16.04
CA ALA A 84 8.28 -7.51 16.08
C ALA A 84 9.41 -7.48 17.09
N GLU A 85 10.04 -6.31 17.30
CA GLU A 85 11.16 -6.26 18.23
C GLU A 85 10.74 -6.64 19.65
N LYS A 86 9.46 -6.47 19.98
CA LYS A 86 8.91 -6.85 21.27
C LYS A 86 8.67 -8.34 21.40
N HIS A 87 8.90 -9.11 20.34
CA HIS A 87 8.67 -10.55 20.38
C HIS A 87 9.91 -11.33 19.94
N VAL A 88 11.09 -10.71 19.92
CA VAL A 88 12.29 -11.43 19.54
C VAL A 88 12.51 -12.58 20.51
N ASN A 89 12.96 -13.72 19.97
CA ASN A 89 13.05 -14.98 20.72
C ASN A 89 11.70 -15.41 21.28
N GLY A 90 10.61 -14.87 20.71
CA GLY A 90 9.28 -15.37 20.98
C GLY A 90 8.60 -15.68 19.66
N THR A 91 7.27 -15.68 19.65
CA THR A 91 6.53 -15.95 18.42
C THR A 91 5.44 -14.90 18.22
N MET A 92 5.03 -14.75 16.97
CA MET A 92 3.82 -14.02 16.61
C MET A 92 3.06 -14.87 15.60
N THR A 93 1.74 -14.77 15.60
CA THR A 93 0.95 -15.48 14.59
C THR A 93 0.99 -14.74 13.27
N LEU A 94 0.62 -15.46 12.19
CA LEU A 94 0.60 -14.80 10.89
C LEU A 94 -0.44 -13.70 10.86
N ALA A 95 -1.53 -13.84 11.62
CA ALA A 95 -2.49 -12.76 11.74
C ALA A 95 -1.86 -11.54 12.41
N GLU A 96 -1.07 -11.77 13.46
CA GLU A 96 -0.43 -10.66 14.18
C GLU A 96 0.62 -9.99 13.31
N LEU A 97 1.38 -10.80 12.56
CA LEU A 97 2.36 -10.25 11.64
C LEU A 97 1.69 -9.43 10.54
N SER A 98 0.54 -9.92 10.02
CA SER A 98 -0.17 -9.16 9.01
C SER A 98 -0.64 -7.81 9.57
N ALA A 99 -1.23 -7.82 10.76
CA ALA A 99 -1.68 -6.58 11.40
C ALA A 99 -0.50 -5.65 11.64
N ALA A 100 0.63 -6.19 12.12
CA ALA A 100 1.79 -5.34 12.39
C ALA A 100 2.33 -4.75 11.09
N ALA A 101 2.39 -5.55 10.03
CA ALA A 101 2.84 -5.05 8.74
C ALA A 101 1.91 -3.96 8.22
N LEU A 102 0.61 -4.18 8.30
CA LEU A 102 -0.31 -3.23 7.67
C LEU A 102 -0.54 -2.00 8.53
N GLN A 103 -0.69 -2.16 9.84
CA GLN A 103 -1.13 -1.05 10.68
C GLN A 103 0.02 -0.25 11.27
N TYR A 104 1.22 -0.83 11.36
CA TYR A 104 2.39 -0.12 11.86
C TYR A 104 3.53 -0.08 10.86
N SER A 105 3.37 -0.73 9.70
CA SER A 105 4.41 -0.85 8.67
C SER A 105 5.69 -1.47 9.25
N ASP A 106 5.52 -2.47 10.09
CA ASP A 106 6.65 -3.19 10.68
C ASP A 106 7.37 -4.01 9.61
N ASN A 107 8.66 -3.72 9.41
CA ASN A 107 9.38 -4.35 8.30
C ASN A 107 9.78 -5.79 8.61
N THR A 108 10.09 -6.12 9.87
CA THR A 108 10.30 -7.53 10.21
C THR A 108 9.05 -8.34 9.94
N ALA A 109 7.89 -7.79 10.31
CA ALA A 109 6.62 -8.47 10.05
C ALA A 109 6.40 -8.71 8.56
N MET A 110 6.65 -7.69 7.73
CA MET A 110 6.57 -7.89 6.29
C MET A 110 7.49 -9.01 5.83
N ASN A 111 8.71 -9.06 6.36
CA ASN A 111 9.63 -10.06 5.88
C ASN A 111 9.18 -11.46 6.27
N LYS A 112 8.48 -11.58 7.40
CA LYS A 112 7.92 -12.89 7.75
C LYS A 112 6.80 -13.28 6.80
N LEU A 113 6.00 -12.31 6.33
CA LEU A 113 4.98 -12.61 5.33
C LEU A 113 5.61 -13.00 3.99
N ILE A 114 6.62 -12.25 3.55
CA ILE A 114 7.31 -12.60 2.31
C ILE A 114 7.86 -14.02 2.40
N ALA A 115 8.52 -14.33 3.52
CA ALA A 115 9.05 -15.68 3.70
C ALA A 115 7.95 -16.73 3.67
N GLN A 116 6.79 -16.41 4.25
CA GLN A 116 5.68 -17.36 4.29
C GLN A 116 5.17 -17.66 2.89
N LEU A 117 5.36 -16.72 1.95
CA LEU A 117 4.93 -16.84 0.56
C LEU A 117 6.01 -17.40 -0.35
N GLY A 118 7.14 -17.83 0.21
CA GLY A 118 8.22 -18.35 -0.62
C GLY A 118 9.13 -17.31 -1.21
N GLY A 119 9.15 -16.10 -0.66
CA GLY A 119 10.05 -15.07 -1.10
C GLY A 119 9.34 -14.00 -1.92
N PRO A 120 10.07 -12.96 -2.31
CA PRO A 120 9.45 -11.90 -3.14
C PRO A 120 8.76 -12.43 -4.39
N GLY A 121 9.31 -13.48 -4.99
CA GLY A 121 8.67 -14.07 -6.17
C GLY A 121 7.30 -14.65 -5.87
N GLY A 122 7.07 -15.08 -4.62
CA GLY A 122 5.76 -15.60 -4.25
C GLY A 122 4.72 -14.51 -4.09
N VAL A 123 5.13 -13.35 -3.58
CA VAL A 123 4.25 -12.20 -3.55
C VAL A 123 3.88 -11.80 -4.97
N THR A 124 4.87 -11.73 -5.85
CA THR A 124 4.62 -11.37 -7.24
C THR A 124 3.72 -12.39 -7.92
N ALA A 125 3.94 -13.69 -7.63
CA ALA A 125 3.12 -14.72 -8.26
C ALA A 125 1.65 -14.56 -7.86
N PHE A 126 1.38 -14.15 -6.63
CA PHE A 126 -0.01 -13.91 -6.23
C PHE A 126 -0.59 -12.73 -7.01
N ALA A 127 0.18 -11.64 -7.13
CA ALA A 127 -0.24 -10.53 -7.97
C ALA A 127 -0.62 -11.02 -9.37
N ARG A 128 0.22 -11.85 -9.99
CA ARG A 128 -0.12 -12.37 -11.32
C ARG A 128 -1.38 -13.20 -11.28
N ALA A 129 -1.59 -13.95 -10.20
CA ALA A 129 -2.75 -14.82 -10.09
C ALA A 129 -4.06 -14.03 -10.03
N ILE A 130 -4.04 -12.81 -9.48
CA ILE A 130 -5.23 -11.96 -9.44
C ILE A 130 -5.26 -10.94 -10.59
N GLY A 131 -4.40 -11.11 -11.59
CA GLY A 131 -4.50 -10.33 -12.81
C GLY A 131 -3.65 -9.08 -12.85
N ASP A 132 -2.78 -8.87 -11.86
CA ASP A 132 -1.89 -7.72 -11.83
C ASP A 132 -0.59 -8.12 -12.52
N GLU A 133 -0.38 -7.67 -13.76
CA GLU A 133 0.81 -8.01 -14.51
C GLU A 133 1.92 -6.99 -14.37
N THR A 134 1.72 -5.93 -13.60
CA THR A 134 2.65 -4.82 -13.47
C THR A 134 3.47 -4.87 -12.19
N PHE A 135 2.82 -5.24 -11.08
CA PHE A 135 3.47 -5.32 -9.78
C PHE A 135 4.71 -6.21 -9.86
N ARG A 136 5.79 -5.78 -9.24
CA ARG A 136 6.91 -6.69 -9.05
C ARG A 136 7.55 -6.43 -7.70
N LEU A 137 7.72 -7.48 -6.93
CA LEU A 137 8.47 -7.43 -5.68
C LEU A 137 9.73 -8.25 -5.89
N ASP A 138 10.89 -7.63 -5.59
CA ASP A 138 12.19 -8.18 -5.93
C ASP A 138 13.09 -8.40 -4.74
N ARG A 139 12.80 -7.78 -3.60
CA ARG A 139 13.71 -7.75 -2.47
C ARG A 139 12.87 -7.79 -1.20
N THR A 140 13.53 -8.14 -0.09
CA THR A 140 12.92 -8.06 1.23
C THR A 140 12.81 -6.59 1.69
N ALA A 141 12.13 -6.41 2.84
CA ALA A 141 11.72 -5.08 3.30
C ALA A 141 12.85 -4.07 3.49
N SER A 142 14.02 -4.46 3.98
CA SER A 142 15.06 -3.45 4.11
C SER A 142 15.42 -2.83 2.77
N THR A 143 15.72 -3.67 1.77
CA THR A 143 16.18 -3.19 0.47
C THR A 143 15.09 -2.54 -0.39
N LEU A 144 13.83 -2.97 -0.27
CA LEU A 144 12.78 -2.53 -1.19
C LEU A 144 12.47 -1.03 -1.16
N ASN A 145 12.93 -0.27 -0.16
CA ASN A 145 12.67 1.17 -0.04
C ASN A 145 13.78 2.06 -0.60
N THR A 146 14.75 1.53 -1.34
CA THR A 146 15.86 2.37 -1.80
C THR A 146 15.42 3.39 -2.83
N ALA A 147 14.44 3.05 -3.67
CA ALA A 147 13.68 3.99 -4.49
C ALA A 147 14.57 4.82 -5.41
N ILE A 148 15.62 4.19 -5.93
CA ILE A 148 16.52 4.87 -6.86
C ILE A 148 15.79 5.12 -8.17
N PRO A 149 15.91 6.31 -8.76
CA PRO A 149 15.22 6.56 -10.03
C PRO A 149 15.76 5.67 -11.13
N GLY A 150 14.84 5.17 -11.97
CA GLY A 150 15.20 4.28 -13.06
C GLY A 150 15.34 2.82 -12.67
N ASP A 151 15.31 2.50 -11.38
CA ASP A 151 15.40 1.11 -10.95
C ASP A 151 14.00 0.50 -10.94
N PRO A 152 13.74 -0.53 -11.75
CA PRO A 152 12.39 -1.10 -11.81
C PRO A 152 12.06 -2.05 -10.68
N ARG A 153 13.02 -2.40 -9.83
CA ARG A 153 12.73 -3.33 -8.75
C ARG A 153 11.74 -2.72 -7.78
N ASP A 154 10.79 -3.54 -7.33
CA ASP A 154 9.86 -3.17 -6.27
C ASP A 154 9.00 -1.97 -6.68
N THR A 155 8.54 -1.97 -7.93
CA THR A 155 7.72 -0.90 -8.47
C THR A 155 6.38 -1.42 -8.97
N THR A 156 5.47 -0.48 -9.19
CA THR A 156 4.25 -0.71 -9.94
C THR A 156 3.81 0.62 -10.53
N THR A 157 2.65 0.64 -11.17
CA THR A 157 2.09 1.89 -11.65
C THR A 157 0.86 2.26 -10.84
N PRO A 158 0.49 3.55 -10.78
CA PRO A 158 -0.74 3.92 -10.06
C PRO A 158 -1.97 3.19 -10.60
N ARG A 159 -2.12 3.08 -11.91
CA ARG A 159 -3.28 2.42 -12.50
C ARG A 159 -3.37 0.97 -12.03
N ALA A 160 -2.24 0.24 -12.06
CA ALA A 160 -2.28 -1.16 -11.68
C ALA A 160 -2.61 -1.31 -10.20
N MET A 161 -2.03 -0.47 -9.34
CA MET A 161 -2.23 -0.64 -7.90
C MET A 161 -3.66 -0.28 -7.52
N ALA A 162 -4.24 0.74 -8.15
CA ALA A 162 -5.64 1.05 -7.86
C ALA A 162 -6.53 -0.13 -8.26
N GLN A 163 -6.28 -0.72 -9.42
CA GLN A 163 -7.14 -1.82 -9.85
C GLN A 163 -7.00 -3.00 -8.90
N THR A 164 -5.77 -3.31 -8.50
CA THR A 164 -5.53 -4.42 -7.59
C THR A 164 -6.15 -4.16 -6.23
N LEU A 165 -5.94 -2.95 -5.69
CA LEU A 165 -6.55 -2.64 -4.40
C LEU A 165 -8.07 -2.74 -4.47
N ARG A 166 -8.66 -2.32 -5.60
CA ARG A 166 -10.10 -2.49 -5.78
C ARG A 166 -10.48 -3.96 -5.74
N GLN A 167 -9.74 -4.80 -6.49
CA GLN A 167 -10.08 -6.22 -6.56
C GLN A 167 -9.99 -6.88 -5.19
N LEU A 168 -9.00 -6.48 -4.38
CA LEU A 168 -8.76 -7.11 -3.08
C LEU A 168 -9.78 -6.67 -2.03
N THR A 169 -10.24 -5.42 -2.08
CA THR A 169 -11.08 -4.84 -1.02
C THR A 169 -12.55 -4.78 -1.39
N LEU A 170 -12.86 -4.50 -2.66
CA LEU A 170 -14.23 -4.35 -3.12
C LEU A 170 -14.66 -5.45 -4.08
N GLY A 171 -13.71 -6.16 -4.69
CA GLY A 171 -13.99 -7.18 -5.67
C GLY A 171 -13.90 -8.56 -5.08
N HIS A 172 -13.52 -9.53 -5.92
CA HIS A 172 -13.65 -10.94 -5.59
C HIS A 172 -12.31 -11.66 -5.54
N ALA A 173 -11.21 -10.93 -5.42
CA ALA A 173 -9.90 -11.59 -5.41
C ALA A 173 -9.72 -12.49 -4.20
N LEU A 174 -10.33 -12.13 -3.07
CA LEU A 174 -10.28 -12.93 -1.86
C LEU A 174 -11.67 -13.42 -1.49
N GLY A 175 -11.72 -14.48 -0.69
CA GLY A 175 -12.98 -14.93 -0.12
C GLY A 175 -13.55 -13.89 0.83
N GLU A 176 -14.84 -14.05 1.17
CA GLU A 176 -15.54 -12.98 1.86
C GLU A 176 -14.95 -12.71 3.25
N THR A 177 -14.63 -13.76 3.99
CA THR A 177 -14.05 -13.56 5.32
C THR A 177 -12.69 -12.88 5.24
N GLN A 178 -11.90 -13.28 4.25
CA GLN A 178 -10.57 -12.70 4.05
C GLN A 178 -10.65 -11.25 3.58
N ARG A 179 -11.56 -10.97 2.65
CA ARG A 179 -11.77 -9.61 2.19
C ARG A 179 -12.12 -8.68 3.35
N ALA A 180 -13.03 -9.12 4.21
CA ALA A 180 -13.42 -8.31 5.35
C ALA A 180 -12.24 -8.11 6.30
N GLN A 181 -11.43 -9.15 6.49
CA GLN A 181 -10.28 -9.01 7.40
C GLN A 181 -9.27 -8.02 6.85
N LEU A 182 -9.00 -8.08 5.54
CA LEU A 182 -8.10 -7.11 4.94
C LEU A 182 -8.60 -5.69 5.14
N VAL A 183 -9.90 -5.47 4.89
CA VAL A 183 -10.48 -4.15 5.03
C VAL A 183 -10.41 -3.70 6.48
N THR A 184 -10.73 -4.60 7.42
CA THR A 184 -10.61 -4.27 8.83
C THR A 184 -9.18 -3.81 9.16
N TRP A 185 -8.17 -4.52 8.66
CA TRP A 185 -6.80 -4.14 8.97
C TRP A 185 -6.46 -2.77 8.39
N LEU A 186 -6.86 -2.51 7.14
CA LEU A 186 -6.56 -1.23 6.51
C LEU A 186 -7.27 -0.08 7.22
N LYS A 187 -8.49 -0.31 7.70
CA LYS A 187 -9.19 0.76 8.40
C LYS A 187 -8.53 1.11 9.72
N GLY A 188 -7.78 0.17 10.30
CA GLY A 188 -7.06 0.38 11.53
C GLY A 188 -5.63 0.85 11.36
N ASN A 189 -5.23 1.27 10.16
CA ASN A 189 -3.88 1.80 9.97
C ASN A 189 -3.62 2.99 10.89
N THR A 190 -2.41 3.03 11.46
CA THR A 190 -2.03 4.11 12.38
C THR A 190 -1.09 5.12 11.74
N THR A 191 -0.57 4.85 10.55
CA THR A 191 0.50 5.65 9.96
C THR A 191 0.03 6.66 8.93
N GLY A 192 -1.28 6.78 8.70
CA GLY A 192 -1.78 7.52 7.55
C GLY A 192 -2.43 8.86 7.80
N ALA A 193 -2.40 9.38 9.05
CA ALA A 193 -3.18 10.58 9.35
C ALA A 193 -2.74 11.78 8.53
N ALA A 194 -1.48 11.86 8.15
CA ALA A 194 -0.98 13.04 7.45
C ALA A 194 -1.06 12.92 5.94
N SER A 195 -1.44 11.76 5.41
CA SER A 195 -1.40 11.51 3.98
C SER A 195 -2.81 11.63 3.40
N ILE A 196 -3.32 10.65 2.66
CA ILE A 196 -4.62 10.78 1.99
C ILE A 196 -5.69 11.24 2.98
N ARG A 197 -5.75 10.63 4.17
CA ARG A 197 -6.77 10.99 5.15
C ARG A 197 -6.81 12.49 5.43
N ALA A 198 -5.65 13.15 5.45
CA ALA A 198 -5.64 14.57 5.81
C ALA A 198 -6.28 15.45 4.74
N GLY A 199 -6.52 14.93 3.55
CA GLY A 199 -7.17 15.71 2.51
C GLY A 199 -8.64 15.41 2.36
N LEU A 200 -9.23 14.60 3.24
CA LEU A 200 -10.60 14.13 3.13
C LEU A 200 -11.43 14.62 4.30
N PRO A 201 -12.74 14.80 4.11
CA PRO A 201 -13.62 15.12 5.24
C PRO A 201 -13.51 14.05 6.31
N THR A 202 -13.60 14.46 7.58
CA THR A 202 -13.37 13.47 8.63
C THR A 202 -14.50 12.47 8.77
N SER A 203 -15.67 12.77 8.23
CA SER A 203 -16.77 11.82 8.32
C SER A 203 -16.66 10.69 7.31
N TRP A 204 -15.69 10.73 6.40
CA TRP A 204 -15.52 9.65 5.43
C TRP A 204 -14.62 8.57 6.01
N THR A 205 -14.97 7.31 5.74
CA THR A 205 -14.21 6.18 6.27
C THR A 205 -13.10 5.84 5.30
N VAL A 206 -11.91 5.56 5.83
CA VAL A 206 -10.74 5.28 4.99
C VAL A 206 -10.02 4.04 5.53
N GLY A 207 -9.63 3.15 4.62
CA GLY A 207 -8.62 2.15 4.90
C GLY A 207 -7.42 2.44 4.01
N ASP A 208 -6.21 2.50 4.55
CA ASP A 208 -5.10 2.89 3.71
C ASP A 208 -3.82 2.20 4.16
N LYS A 209 -2.82 2.25 3.28
CA LYS A 209 -1.47 1.81 3.61
C LYS A 209 -0.48 2.81 3.02
N THR A 210 0.40 3.33 3.87
CA THR A 210 1.38 4.32 3.47
C THR A 210 2.69 3.66 3.08
N GLY A 211 3.57 4.44 2.49
CA GLY A 211 4.93 3.99 2.27
C GLY A 211 5.84 5.19 2.24
N SER A 212 7.09 4.98 2.63
CA SER A 212 8.08 6.03 2.59
C SER A 212 9.42 5.39 2.27
N GLY A 213 10.30 6.15 1.66
CA GLY A 213 11.57 5.55 1.31
C GLY A 213 12.55 6.60 0.89
N GLY A 214 13.65 6.14 0.30
CA GLY A 214 14.65 7.02 -0.22
C GLY A 214 14.09 7.93 -1.29
N TYR A 215 14.90 8.93 -1.66
CA TYR A 215 14.50 9.93 -2.64
C TYR A 215 13.18 10.60 -2.25
N GLY A 216 12.97 10.73 -0.94
CA GLY A 216 11.78 11.40 -0.46
C GLY A 216 10.50 10.74 -0.89
N THR A 217 10.56 9.45 -1.21
CA THR A 217 9.40 8.76 -1.75
C THR A 217 8.32 8.68 -0.67
N THR A 218 7.11 9.09 -1.01
CA THR A 218 6.02 9.22 -0.06
C THR A 218 4.77 8.74 -0.77
N ASN A 219 4.18 7.66 -0.26
CA ASN A 219 3.12 6.95 -0.96
C ASN A 219 1.94 6.73 -0.03
N ASP A 220 0.76 6.54 -0.63
CA ASP A 220 -0.41 6.12 0.14
C ASP A 220 -1.39 5.49 -0.82
N ILE A 221 -1.99 4.37 -0.42
CA ILE A 221 -3.03 3.74 -1.22
C ILE A 221 -4.22 3.50 -0.31
N ALA A 222 -5.42 3.77 -0.81
CA ALA A 222 -6.56 3.88 0.08
C ALA A 222 -7.84 3.45 -0.62
N VAL A 223 -8.71 2.83 0.17
CA VAL A 223 -10.11 2.67 -0.18
C VAL A 223 -10.91 3.62 0.70
N ILE A 224 -11.82 4.35 0.08
CA ILE A 224 -12.53 5.43 0.75
C ILE A 224 -14.00 5.16 0.63
N TRP A 225 -14.73 5.29 1.73
CA TRP A 225 -16.19 5.16 1.73
C TRP A 225 -16.76 6.53 2.11
N PRO A 226 -17.02 7.40 1.15
CA PRO A 226 -17.69 8.67 1.48
C PRO A 226 -19.12 8.43 1.92
N GLN A 227 -19.67 9.45 2.59
CA GLN A 227 -21.12 9.54 2.72
C GLN A 227 -21.71 9.94 1.37
N GLY A 228 -22.89 9.42 1.08
CA GLY A 228 -23.69 9.92 -0.02
C GLY A 228 -23.29 9.46 -1.41
N ARG A 229 -22.32 8.54 -1.53
CA ARG A 229 -21.85 8.07 -2.82
C ARG A 229 -21.07 6.77 -2.64
N ALA A 230 -20.85 6.06 -3.75
CA ALA A 230 -20.17 4.78 -3.73
C ALA A 230 -18.68 4.94 -3.37
N PRO A 231 -18.03 3.85 -2.93
CA PRO A 231 -16.63 3.94 -2.51
C PRO A 231 -15.70 4.38 -3.63
N LEU A 232 -14.55 4.92 -3.23
CA LEU A 232 -13.48 5.31 -4.13
C LEU A 232 -12.22 4.52 -3.79
N VAL A 233 -11.40 4.29 -4.80
CA VAL A 233 -10.05 3.77 -4.61
C VAL A 233 -9.07 4.82 -5.11
N LEU A 234 -8.11 5.20 -4.26
CA LEU A 234 -7.19 6.29 -4.54
C LEU A 234 -5.77 5.83 -4.25
N VAL A 235 -4.91 5.95 -5.26
CA VAL A 235 -3.48 5.66 -5.15
C VAL A 235 -2.74 6.97 -5.39
N THR A 236 -1.86 7.34 -4.46
CA THR A 236 -1.05 8.54 -4.61
C THR A 236 0.40 8.17 -4.34
N TYR A 237 1.23 8.18 -5.39
CA TYR A 237 2.66 7.91 -5.30
C TYR A 237 3.44 9.20 -5.57
N PHE A 238 4.58 9.38 -4.88
CA PHE A 238 5.35 10.62 -5.04
C PHE A 238 6.82 10.35 -4.76
N THR A 239 7.71 10.87 -5.61
CA THR A 239 9.13 10.64 -5.38
C THR A 239 9.89 11.86 -5.88
N GLN A 240 11.10 12.06 -5.35
CA GLN A 240 11.80 13.32 -5.54
C GLN A 240 13.21 13.08 -6.07
N PRO A 241 13.87 14.11 -6.61
CA PRO A 241 15.14 13.85 -7.31
C PRO A 241 16.36 13.70 -6.41
N GLN A 242 16.32 14.19 -5.17
CA GLN A 242 17.46 14.13 -4.27
C GLN A 242 17.32 12.93 -3.36
N GLN A 243 18.42 12.18 -3.18
CA GLN A 243 18.35 10.93 -2.43
C GLN A 243 17.83 11.15 -1.01
N ASN A 244 18.23 12.25 -0.38
CA ASN A 244 17.84 12.51 0.99
C ASN A 244 16.71 13.53 1.11
N ALA A 245 15.87 13.64 0.07
CA ALA A 245 14.72 14.53 0.16
C ALA A 245 13.82 14.13 1.32
N GLU A 246 13.16 15.12 1.91
CA GLU A 246 12.27 14.88 3.04
C GLU A 246 10.90 14.37 2.57
N SER A 247 10.26 13.56 3.41
CA SER A 247 8.92 13.07 3.15
C SER A 247 7.94 14.23 2.89
N ARG A 248 7.00 14.03 1.97
CA ARG A 248 6.00 15.06 1.66
C ARG A 248 4.60 14.45 1.77
N ARG A 249 4.23 14.03 2.96
CA ARG A 249 2.88 13.52 3.17
C ARG A 249 1.84 14.59 2.88
N ASP A 250 2.19 15.86 3.10
CA ASP A 250 1.26 16.95 2.77
C ASP A 250 0.95 17.00 1.27
N VAL A 251 1.89 16.55 0.43
CA VAL A 251 1.60 16.54 -1.01
C VAL A 251 0.54 15.49 -1.31
N LEU A 252 0.61 14.34 -0.63
CA LEU A 252 -0.42 13.32 -0.80
C LEU A 252 -1.78 13.82 -0.33
N ALA A 253 -1.80 14.50 0.82
CA ALA A 253 -3.05 15.10 1.30
C ALA A 253 -3.61 16.11 0.31
N SER A 254 -2.75 16.95 -0.30
CA SER A 254 -3.27 17.88 -1.30
C SER A 254 -3.87 17.14 -2.49
N ALA A 255 -3.24 16.05 -2.94
CA ALA A 255 -3.81 15.27 -4.04
C ALA A 255 -5.20 14.72 -3.66
N ALA A 256 -5.33 14.19 -2.44
CA ALA A 256 -6.62 13.70 -1.97
C ALA A 256 -7.66 14.82 -1.96
N ARG A 257 -7.28 16.01 -1.48
CA ARG A 257 -8.22 17.13 -1.43
C ARG A 257 -8.69 17.54 -2.82
N ILE A 258 -7.76 17.59 -3.79
CA ILE A 258 -8.14 17.88 -5.17
C ILE A 258 -9.20 16.89 -5.64
N ILE A 259 -8.97 15.60 -5.37
CA ILE A 259 -9.89 14.56 -5.81
C ILE A 259 -11.22 14.68 -5.08
N ALA A 260 -11.17 14.82 -3.76
CA ALA A 260 -12.38 14.87 -2.95
C ALA A 260 -13.25 16.07 -3.30
N GLU A 261 -12.65 17.18 -3.71
CA GLU A 261 -13.43 18.35 -4.06
C GLU A 261 -13.83 18.35 -5.52
N GLY A 262 -13.06 17.71 -6.39
CA GLY A 262 -13.22 17.93 -7.81
C GLY A 262 -14.03 16.88 -8.54
N LEU A 263 -14.23 15.72 -7.91
CA LEU A 263 -14.96 14.63 -8.54
C LEU A 263 -16.12 14.16 -7.67
S1 CAZ B . 8.99 2.06 7.88
C2 CAZ B . 8.97 3.86 7.63
C3 CAZ B . 7.60 4.45 7.48
C3' CAZ B . 7.24 5.55 8.14
C4 CAZ B . 6.76 3.72 6.58
C4' CAZ B . 5.45 4.30 6.13
O4A CAZ B . 5.45 5.57 5.87
O4B CAZ B . 4.46 3.61 6.02
N5 CAZ B . 6.90 2.55 6.09
C6 CAZ B . 7.97 1.65 6.40
C7 CAZ B . 8.88 1.47 5.13
C8 CAZ B . 7.84 1.35 3.98
O9 CAZ B . 7.68 2.26 3.23
N10 CAZ B . 9.86 2.52 4.89
C11 CAZ B . 11.14 2.38 5.26
O12 CAZ B . 11.63 1.30 5.61
C13 CAZ B . 11.93 3.64 5.31
N16 CAZ B . 11.66 4.61 6.10
O17 CAZ B . 12.57 5.70 6.00
C18 CAZ B . 12.00 6.98 6.30
C14 CAZ B . 13.11 3.70 4.42
C15 CAZ B . 13.65 4.76 3.74
S16 CAZ B . 15.02 4.27 2.83
C17 CAZ B . 14.78 2.64 3.41
N18 CAZ B . 15.59 1.65 3.02
N19 CAZ B . 13.76 2.49 4.22
C19 CAZ B . 10.54 6.91 6.74
C20 CAZ B . 12.16 7.86 5.07
C21 CAZ B . 12.83 7.53 7.46
O2A CAZ B . 14.11 7.57 7.22
O2B CAZ B . 12.33 7.90 8.51
#